data_3WL0
#
_entry.id   3WL0
#
_cell.length_a   94.113
_cell.length_b   94.113
_cell.length_c   122.312
_cell.angle_alpha   90.00
_cell.angle_beta   90.00
_cell.angle_gamma   120.00
#
_symmetry.space_group_name_H-M   'P 65'
#
loop_
_entity.id
_entity.type
_entity.pdbx_description
1 polymer Chitinase
2 branched 2-acetamido-2-deoxy-beta-D-glucopyranose-(1-4)-2-acetamido-2-deoxy-beta-D-glucopyranose
3 non-polymer 2-acetamido-2-deoxy-beta-D-glucopyranose
4 water water
#
_entity_poly.entity_id   1
_entity_poly.type   'polypeptide(L)'
_entity_poly.pdbx_seq_one_letter_code
;AESDSRARVVCYFSNWAVYRPGVGRYGIEDIPVDMCTHIIYSFIGVTEDTQQVLIIDPELDVDKNGFKNFTSLRSKHPGV
KFTVAVGGWAEGGSKYSKMVAAKSTRMAFVRSVVDFLNKYNFDGLDLDWAYPGAADRGGSFSDKDKFLYLVQELRRAFIR
EGKGWELTAAVPLANFRLMEGYHVPELCQELDAIHVMSYDLRGNWAGFADVHSPLYKRPHDQWAYEKLNVNDGLQLWEDK
GCPTNKLVVGIPFYGRSFTLSSGNNNYNLGTYINKEAGGGDPAPYTNATGFWAYYEICTEVDTADSKWTKKWDEHGKCPY
AYKGTQWVGYEDPRSVEIKMNWIKEKGYLGAMTWAIDMDDFQGLCGEKNILIKLLHKHMSAYTVPPPRSHHHHHH
;
_entity_poly.pdbx_strand_id   A
#
loop_
_chem_comp.id
_chem_comp.type
_chem_comp.name
_chem_comp.formula
NAG D-saccharide, beta linking 2-acetamido-2-deoxy-beta-D-glucopyranose 'C8 H15 N O6'
#
# COMPACT_ATOMS: atom_id res chain seq x y z
N ARG A 6 -6.47 -12.54 15.92
CA ARG A 6 -5.36 -11.66 16.25
C ARG A 6 -4.62 -11.23 15.00
N ALA A 7 -5.03 -11.79 13.87
CA ALA A 7 -4.51 -11.38 12.57
C ALA A 7 -5.05 -9.99 12.24
N ARG A 8 -4.34 -9.27 11.39
CA ARG A 8 -4.79 -7.94 10.97
C ARG A 8 -5.31 -7.96 9.54
N VAL A 9 -6.34 -7.17 9.27
CA VAL A 9 -6.71 -6.79 7.91
C VAL A 9 -6.60 -5.28 7.85
N VAL A 10 -5.55 -4.80 7.19
CA VAL A 10 -5.25 -3.37 7.18
C VAL A 10 -5.72 -2.72 5.89
N CYS A 11 -6.64 -1.77 6.01
CA CYS A 11 -7.26 -1.14 4.85
C CYS A 11 -6.83 0.32 4.71
N TYR A 12 -6.05 0.62 3.67
CA TYR A 12 -5.75 2.01 3.33
C TYR A 12 -6.94 2.64 2.61
N PHE A 13 -7.36 3.80 3.09
CA PHE A 13 -8.48 4.53 2.52
C PHE A 13 -7.99 5.83 1.86
N SER A 14 -8.25 6.01 0.57
CA SER A 14 -7.78 7.20 -0.16
C SER A 14 -8.80 8.34 -0.08
N ASN A 15 -8.41 9.47 0.49
CA ASN A 15 -9.34 10.59 0.64
C ASN A 15 -9.66 11.32 -0.67
N TRP A 16 -8.90 11.05 -1.73
CA TRP A 16 -9.17 11.68 -3.01
C TRP A 16 -10.12 10.84 -3.90
N ALA A 17 -10.48 9.66 -3.43
CA ALA A 17 -11.33 8.77 -4.23
C ALA A 17 -12.74 9.34 -4.38
N VAL A 18 -13.10 10.27 -3.50
CA VAL A 18 -14.43 10.85 -3.52
C VAL A 18 -14.64 11.70 -4.78
N TYR A 19 -13.56 12.10 -5.45
CA TYR A 19 -13.65 12.94 -6.64
C TYR A 19 -13.75 12.15 -7.95
N ARG A 20 -13.69 10.83 -7.86
CA ARG A 20 -13.86 9.99 -9.04
C ARG A 20 -15.30 10.07 -9.53
N PRO A 21 -15.50 10.18 -10.86
CA PRO A 21 -16.85 10.38 -11.41
C PRO A 21 -17.71 9.13 -11.34
N GLY A 22 -19.03 9.31 -11.39
CA GLY A 22 -19.97 8.21 -11.51
C GLY A 22 -19.80 7.15 -10.45
N VAL A 23 -19.78 5.88 -10.87
CA VAL A 23 -19.69 4.76 -9.94
C VAL A 23 -18.32 4.65 -9.26
N GLY A 24 -17.37 5.45 -9.73
CA GLY A 24 -16.04 5.46 -9.13
C GLY A 24 -16.01 6.19 -7.80
N ARG A 25 -16.97 7.09 -7.58
CA ARG A 25 -17.04 7.88 -6.36
C ARG A 25 -17.03 7.02 -5.10
N TYR A 26 -16.05 7.24 -4.24
CA TYR A 26 -15.91 6.45 -3.03
C TYR A 26 -15.60 7.37 -1.87
N GLY A 27 -16.50 7.43 -0.90
CA GLY A 27 -16.31 8.26 0.28
C GLY A 27 -16.25 7.44 1.56
N ILE A 28 -16.21 8.13 2.70
CA ILE A 28 -16.16 7.51 4.02
C ILE A 28 -17.29 6.52 4.20
N GLU A 29 -18.48 6.89 3.73
CA GLU A 29 -19.66 6.06 3.90
C GLU A 29 -19.54 4.72 3.15
N ASP A 30 -18.61 4.64 2.21
CA ASP A 30 -18.45 3.43 1.41
C ASP A 30 -17.52 2.39 2.03
N ILE A 31 -16.79 2.77 3.07
CA ILE A 31 -15.88 1.85 3.72
C ILE A 31 -16.63 0.69 4.38
N PRO A 32 -16.34 -0.54 3.96
CA PRO A 32 -16.93 -1.71 4.61
C PRO A 32 -16.20 -2.00 5.91
N VAL A 33 -16.49 -1.19 6.94
CA VAL A 33 -15.69 -1.18 8.16
C VAL A 33 -15.47 -2.54 8.81
N ASP A 34 -16.53 -3.35 8.85
CA ASP A 34 -16.46 -4.67 9.45
C ASP A 34 -15.53 -5.67 8.76
N MET A 35 -15.09 -5.38 7.55
CA MET A 35 -14.13 -6.25 6.86
C MET A 35 -12.68 -6.00 7.28
N CYS A 36 -12.44 -4.89 7.97
CA CYS A 36 -11.07 -4.49 8.35
C CYS A 36 -10.89 -4.47 9.86
N THR A 37 -9.66 -4.65 10.32
CA THR A 37 -9.35 -4.48 11.75
C THR A 37 -8.69 -3.13 11.96
N HIS A 38 -8.00 -2.66 10.93
CA HIS A 38 -7.29 -1.39 10.97
C HIS A 38 -7.50 -0.64 9.67
N ILE A 39 -7.95 0.60 9.78
CA ILE A 39 -8.25 1.42 8.62
C ILE A 39 -7.45 2.70 8.70
N ILE A 40 -6.82 3.07 7.57
CA ILE A 40 -5.86 4.16 7.54
C ILE A 40 -6.21 5.26 6.53
N TYR A 41 -6.50 6.44 7.05
CA TYR A 41 -6.90 7.58 6.25
C TYR A 41 -5.67 8.16 5.55
N SER A 42 -5.66 8.16 4.22
CA SER A 42 -4.50 8.60 3.44
C SER A 42 -4.86 9.76 2.51
N PHE A 43 -4.07 10.84 2.49
CA PHE A 43 -2.86 11.03 3.28
C PHE A 43 -2.88 12.44 3.92
N ILE A 44 -2.12 12.60 5.00
CA ILE A 44 -1.63 13.93 5.38
C ILE A 44 -0.17 14.04 4.97
N GLY A 45 0.39 15.24 5.03
CA GLY A 45 1.77 15.46 4.66
C GLY A 45 2.54 16.22 5.71
N VAL A 46 3.67 16.79 5.32
CA VAL A 46 4.45 17.64 6.19
C VAL A 46 4.77 18.95 5.46
N THR A 47 4.80 20.06 6.18
CA THR A 47 5.10 21.34 5.54
C THR A 47 6.59 21.40 5.22
N GLU A 48 6.93 22.11 4.14
CA GLU A 48 8.32 22.29 3.74
C GLU A 48 9.07 23.18 4.71
N ASP A 49 8.39 24.19 5.24
CA ASP A 49 9.06 25.26 5.99
C ASP A 49 9.11 25.05 7.50
N THR A 50 8.04 24.50 8.08
CA THR A 50 7.92 24.45 9.53
C THR A 50 7.86 23.04 10.12
N GLN A 51 7.94 22.04 9.25
CA GLN A 51 7.92 20.63 9.68
C GLN A 51 6.68 20.30 10.51
N GLN A 52 5.56 20.89 10.14
CA GLN A 52 4.32 20.59 10.82
C GLN A 52 3.44 19.71 9.94
N VAL A 53 2.40 19.14 10.53
CA VAL A 53 1.44 18.37 9.78
C VAL A 53 0.80 19.25 8.71
N LEU A 54 0.81 18.76 7.47
CA LEU A 54 0.16 19.44 6.36
C LEU A 54 -1.16 18.74 6.03
N ILE A 55 -2.27 19.47 6.15
CA ILE A 55 -3.54 18.93 5.72
C ILE A 55 -3.68 19.19 4.23
N ILE A 56 -3.76 18.10 3.45
CA ILE A 56 -3.64 18.18 2.01
C ILE A 56 -4.93 18.62 1.29
N ASP A 57 -6.08 18.19 1.79
CA ASP A 57 -7.37 18.65 1.25
C ASP A 57 -8.24 19.17 2.39
N PRO A 58 -7.95 20.40 2.87
CA PRO A 58 -8.63 20.93 4.06
C PRO A 58 -10.13 21.10 3.89
N GLU A 59 -10.58 21.47 2.69
CA GLU A 59 -12.02 21.60 2.45
C GLU A 59 -12.74 20.27 2.67
N LEU A 60 -12.12 19.18 2.24
CA LEU A 60 -12.67 17.85 2.48
C LEU A 60 -12.36 17.37 3.90
N ASP A 61 -11.08 17.35 4.25
CA ASP A 61 -10.62 16.76 5.50
C ASP A 61 -11.14 17.46 6.77
N VAL A 62 -11.21 18.79 6.73
CA VAL A 62 -11.63 19.58 7.88
C VAL A 62 -13.02 20.20 7.73
N ASP A 63 -13.21 21.03 6.70
CA ASP A 63 -14.46 21.75 6.53
C ASP A 63 -15.67 20.84 6.32
N LYS A 64 -15.49 19.77 5.55
CA LYS A 64 -16.56 18.78 5.40
C LYS A 64 -16.43 17.64 6.41
N ASN A 65 -15.60 17.84 7.42
CA ASN A 65 -15.43 16.87 8.52
C ASN A 65 -14.95 15.48 8.11
N GLY A 66 -14.12 15.40 7.08
CA GLY A 66 -13.58 14.13 6.62
C GLY A 66 -12.86 13.33 7.70
N PHE A 67 -11.87 13.94 8.35
CA PHE A 67 -11.12 13.27 9.41
C PHE A 67 -12.06 12.71 10.47
N LYS A 68 -12.98 13.53 10.95
CA LYS A 68 -13.85 13.15 12.06
C LYS A 68 -14.96 12.18 11.67
N ASN A 69 -15.45 12.28 10.43
CA ASN A 69 -16.41 11.32 9.93
C ASN A 69 -15.79 9.92 9.98
N PHE A 70 -14.51 9.88 9.61
CA PHE A 70 -13.74 8.65 9.55
C PHE A 70 -13.57 8.07 10.95
N THR A 71 -13.04 8.86 11.87
CA THR A 71 -12.78 8.36 13.21
C THR A 71 -14.07 8.07 14.01
N SER A 72 -15.14 8.79 13.68
CA SER A 72 -16.45 8.57 14.32
C SER A 72 -17.05 7.22 14.00
N LEU A 73 -16.50 6.55 13.00
CA LEU A 73 -16.97 5.21 12.64
C LEU A 73 -16.78 4.24 13.80
N ARG A 74 -15.93 4.59 14.76
CA ARG A 74 -15.67 3.72 15.90
C ARG A 74 -16.88 3.57 16.82
N SER A 75 -17.82 4.52 16.76
CA SER A 75 -19.04 4.44 17.56
C SER A 75 -19.82 3.19 17.23
N LYS A 76 -19.98 2.92 15.93
CA LYS A 76 -20.70 1.72 15.49
C LYS A 76 -19.78 0.52 15.34
N HIS A 77 -18.47 0.76 15.32
CA HIS A 77 -17.50 -0.33 15.17
C HIS A 77 -16.33 -0.14 16.12
N PRO A 78 -16.57 -0.36 17.42
CA PRO A 78 -15.58 -0.05 18.46
C PRO A 78 -14.33 -0.92 18.44
N GLY A 79 -14.37 -2.09 17.81
CA GLY A 79 -13.22 -2.97 17.78
C GLY A 79 -12.14 -2.55 16.78
N VAL A 80 -12.49 -1.65 15.87
CA VAL A 80 -11.63 -1.28 14.75
C VAL A 80 -10.74 -0.08 15.09
N LYS A 81 -9.48 -0.11 14.66
CA LYS A 81 -8.57 1.02 14.84
C LYS A 81 -8.55 1.93 13.62
N PHE A 82 -8.68 3.23 13.84
CA PHE A 82 -8.70 4.21 12.77
C PHE A 82 -7.50 5.14 12.92
N THR A 83 -6.53 5.03 12.02
CA THR A 83 -5.33 5.83 12.07
C THR A 83 -5.21 6.72 10.83
N VAL A 84 -4.16 7.53 10.77
CA VAL A 84 -3.94 8.39 9.62
C VAL A 84 -2.54 8.11 9.08
N ALA A 85 -2.36 8.25 7.76
CA ALA A 85 -1.05 8.02 7.17
C ALA A 85 -0.41 9.33 6.72
N VAL A 86 0.85 9.52 7.11
CA VAL A 86 1.58 10.71 6.67
C VAL A 86 2.57 10.37 5.57
N GLY A 87 2.49 11.11 4.46
CA GLY A 87 3.38 10.89 3.34
C GLY A 87 2.67 10.42 2.08
N GLY A 88 3.07 9.26 1.57
CA GLY A 88 2.56 8.75 0.30
C GLY A 88 3.47 9.17 -0.83
N TRP A 89 3.31 8.53 -1.99
CA TRP A 89 4.20 8.81 -3.12
C TRP A 89 4.19 10.28 -3.58
N ALA A 90 2.98 10.83 -3.75
CA ALA A 90 2.83 12.17 -4.32
C ALA A 90 3.41 13.27 -3.43
N GLU A 91 3.58 12.98 -2.15
CA GLU A 91 4.13 13.93 -1.20
C GLU A 91 5.63 14.16 -1.43
N GLY A 92 6.29 13.24 -2.11
CA GLY A 92 7.74 13.31 -2.31
C GLY A 92 8.50 12.89 -1.06
N GLY A 93 9.82 12.76 -1.18
CA GLY A 93 10.64 12.42 -0.03
C GLY A 93 11.49 13.53 0.57
N SER A 94 11.72 14.61 -0.17
CA SER A 94 12.68 15.63 0.27
C SER A 94 12.26 16.36 1.55
N LYS A 95 10.98 16.64 1.69
CA LYS A 95 10.48 17.32 2.89
C LYS A 95 10.68 16.44 4.14
N TYR A 96 10.68 15.13 3.95
CA TYR A 96 10.85 14.21 5.06
C TYR A 96 12.31 14.09 5.46
N SER A 97 13.19 13.96 4.46
CA SER A 97 14.62 13.97 4.68
C SER A 97 15.01 15.26 5.40
N LYS A 98 14.46 16.38 4.93
CA LYS A 98 14.65 17.67 5.59
C LYS A 98 14.10 17.68 7.03
N MET A 99 12.90 17.12 7.21
CA MET A 99 12.29 17.10 8.54
C MET A 99 13.12 16.31 9.57
N VAL A 100 13.72 15.20 9.17
CA VAL A 100 14.45 14.36 10.13
C VAL A 100 15.91 14.76 10.35
N ALA A 101 16.39 15.76 9.60
CA ALA A 101 17.80 16.12 9.61
C ALA A 101 18.33 16.57 10.98
N ALA A 102 17.46 17.20 11.76
CA ALA A 102 17.84 17.72 13.06
C ALA A 102 16.86 17.31 14.16
N LYS A 103 17.34 17.22 15.38
CA LYS A 103 16.51 16.86 16.52
C LYS A 103 15.39 17.88 16.71
N SER A 104 15.70 19.16 16.47
CA SER A 104 14.73 20.22 16.67
C SER A 104 13.55 20.15 15.68
N THR A 105 13.84 19.85 14.43
CA THR A 105 12.80 19.74 13.41
C THR A 105 11.94 18.47 13.62
N ARG A 106 12.58 17.40 14.07
CA ARG A 106 11.84 16.18 14.39
C ARG A 106 10.87 16.41 15.56
N MET A 107 11.31 17.14 16.57
CA MET A 107 10.45 17.38 17.73
C MET A 107 9.30 18.31 17.39
N ALA A 108 9.56 19.26 16.49
CA ALA A 108 8.49 20.10 15.97
C ALA A 108 7.43 19.22 15.29
N PHE A 109 7.87 18.30 14.43
CA PHE A 109 6.95 17.40 13.75
C PHE A 109 6.20 16.52 14.75
N VAL A 110 6.92 15.95 15.70
CA VAL A 110 6.33 15.09 16.71
C VAL A 110 5.23 15.81 17.49
N ARG A 111 5.49 17.04 17.92
CA ARG A 111 4.49 17.83 18.62
C ARG A 111 3.27 18.08 17.75
N SER A 112 3.51 18.44 16.49
CA SER A 112 2.44 18.74 15.55
C SER A 112 1.57 17.49 15.37
N VAL A 113 2.23 16.34 15.25
CA VAL A 113 1.55 15.07 15.06
C VAL A 113 0.65 14.75 16.26
N VAL A 114 1.20 14.89 17.46
CA VAL A 114 0.45 14.65 18.68
C VAL A 114 -0.80 15.54 18.77
N ASP A 115 -0.65 16.83 18.48
CA ASP A 115 -1.79 17.73 18.47
C ASP A 115 -2.84 17.29 17.46
N PHE A 116 -2.39 16.92 16.26
CA PHE A 116 -3.29 16.50 15.20
C PHE A 116 -4.10 15.28 15.61
N LEU A 117 -3.42 14.25 16.12
CA LEU A 117 -4.08 13.00 16.48
C LEU A 117 -5.12 13.22 17.58
N ASN A 118 -4.80 14.07 18.53
CA ASN A 118 -5.74 14.44 19.57
C ASN A 118 -6.93 15.17 18.98
N LYS A 119 -6.66 16.13 18.11
CA LYS A 119 -7.71 17.00 17.58
C LYS A 119 -8.76 16.23 16.77
N TYR A 120 -8.33 15.24 16.01
CA TYR A 120 -9.25 14.53 15.15
C TYR A 120 -9.58 13.12 15.62
N ASN A 121 -9.12 12.82 16.84
CA ASN A 121 -9.43 11.54 17.50
C ASN A 121 -8.96 10.30 16.74
N PHE A 122 -7.76 10.36 16.16
CA PHE A 122 -7.17 9.18 15.52
C PHE A 122 -6.52 8.24 16.55
N ASP A 123 -6.42 6.96 16.19
CA ASP A 123 -5.85 5.94 17.08
C ASP A 123 -4.35 5.77 16.92
N GLY A 124 -3.72 6.64 16.13
CA GLY A 124 -2.30 6.50 15.90
C GLY A 124 -1.89 6.94 14.50
N LEU A 125 -0.66 6.61 14.13
CA LEU A 125 -0.05 7.16 12.94
C LEU A 125 0.63 6.07 12.13
N ASP A 126 0.44 6.13 10.80
CA ASP A 126 1.16 5.28 9.87
C ASP A 126 2.16 6.15 9.11
N LEU A 127 3.42 5.73 9.09
CA LEU A 127 4.46 6.49 8.41
C LEU A 127 4.62 6.01 6.98
N ASP A 128 4.49 6.94 6.03
CA ASP A 128 4.53 6.58 4.62
C ASP A 128 5.52 7.41 3.83
N TRP A 129 6.72 7.54 4.37
CA TRP A 129 7.79 8.25 3.70
C TRP A 129 8.42 7.34 2.66
N ALA A 130 8.29 7.70 1.38
CA ALA A 130 9.01 6.99 0.33
C ALA A 130 10.13 7.85 -0.27
N TYR A 131 11.41 7.53 0.01
CA TYR A 131 11.83 6.60 1.06
C TYR A 131 13.04 7.23 1.72
N PRO A 132 13.26 6.94 3.01
CA PRO A 132 14.53 7.40 3.61
C PRO A 132 15.73 6.85 2.85
N GLY A 133 16.70 7.71 2.56
CA GLY A 133 17.94 7.29 1.94
C GLY A 133 17.91 7.17 0.43
N ALA A 134 16.75 7.43 -0.18
CA ALA A 134 16.58 7.30 -1.62
C ALA A 134 17.00 8.57 -2.35
N ALA A 135 18.09 8.48 -3.10
CA ALA A 135 18.63 9.65 -3.82
C ALA A 135 17.67 10.14 -4.89
N ASP A 136 16.87 9.23 -5.43
CA ASP A 136 15.85 9.59 -6.41
C ASP A 136 14.61 10.24 -5.76
N ARG A 137 14.62 10.36 -4.44
CA ARG A 137 13.49 10.95 -3.72
C ARG A 137 13.92 12.04 -2.74
N GLY A 138 15.03 12.71 -3.05
CA GLY A 138 15.53 13.79 -2.21
C GLY A 138 16.15 13.31 -0.91
N GLY A 139 16.49 12.02 -0.83
CA GLY A 139 17.07 11.48 0.38
C GLY A 139 18.59 11.51 0.41
N SER A 140 19.16 11.13 1.54
CA SER A 140 20.61 11.04 1.67
C SER A 140 20.97 9.98 2.70
N PHE A 141 22.25 9.64 2.76
CA PHE A 141 22.75 8.52 3.57
C PHE A 141 22.30 8.57 5.02
N SER A 142 22.30 9.78 5.58
CA SER A 142 21.93 10.03 6.98
C SER A 142 20.50 9.67 7.35
N ASP A 143 19.63 9.56 6.36
CA ASP A 143 18.20 9.29 6.61
C ASP A 143 18.01 8.01 7.43
N LYS A 144 18.87 7.02 7.23
CA LYS A 144 18.67 5.72 7.85
C LYS A 144 18.68 5.82 9.38
N ASP A 145 19.71 6.44 9.95
CA ASP A 145 19.76 6.67 11.39
C ASP A 145 18.62 7.58 11.83
N LYS A 146 18.42 8.66 11.09
CA LYS A 146 17.51 9.71 11.51
C LYS A 146 16.03 9.33 11.39
N PHE A 147 15.69 8.48 10.43
CA PHE A 147 14.33 7.91 10.39
C PHE A 147 14.09 7.08 11.64
N LEU A 148 15.07 6.28 12.02
CA LEU A 148 14.99 5.49 13.25
C LEU A 148 14.78 6.41 14.45
N TYR A 149 15.53 7.51 14.51
CA TYR A 149 15.38 8.49 15.59
C TYR A 149 13.96 9.04 15.61
N LEU A 150 13.43 9.40 14.45
CA LEU A 150 12.07 9.89 14.35
C LEU A 150 11.08 8.88 14.94
N VAL A 151 11.27 7.61 14.58
CA VAL A 151 10.37 6.54 15.03
C VAL A 151 10.44 6.35 16.55
N GLN A 152 11.66 6.33 17.09
CA GLN A 152 11.85 6.23 18.54
C GLN A 152 11.22 7.40 19.28
N GLU A 153 11.42 8.59 18.74
CA GLU A 153 10.88 9.81 19.33
C GLU A 153 9.34 9.87 19.25
N LEU A 154 8.76 9.40 18.13
CA LEU A 154 7.31 9.31 18.03
C LEU A 154 6.73 8.31 19.04
N ARG A 155 7.34 7.13 19.11
CA ARG A 155 6.91 6.11 20.08
C ARG A 155 6.92 6.65 21.50
N ARG A 156 8.00 7.33 21.88
CA ARG A 156 8.09 7.90 23.22
C ARG A 156 7.00 8.93 23.48
N ALA A 157 6.74 9.79 22.50
CA ALA A 157 5.67 10.78 22.61
C ALA A 157 4.31 10.10 22.73
N PHE A 158 4.11 9.01 21.99
CA PHE A 158 2.83 8.31 22.03
C PHE A 158 2.63 7.68 23.40
N ILE A 159 3.72 7.18 23.98
CA ILE A 159 3.69 6.63 25.34
C ILE A 159 3.32 7.71 26.35
N ARG A 160 3.95 8.87 26.24
CA ARG A 160 3.65 9.99 27.14
C ARG A 160 2.20 10.45 27.08
N GLU A 161 1.56 10.33 25.92
CA GLU A 161 0.17 10.76 25.81
C GLU A 161 -0.75 9.79 26.56
N GLY A 162 -0.31 8.55 26.70
CA GLY A 162 -1.02 7.58 27.50
C GLY A 162 -2.33 7.10 26.92
N LYS A 163 -2.48 7.17 25.60
CA LYS A 163 -3.72 6.72 24.98
C LYS A 163 -3.57 5.41 24.20
N GLY A 164 -2.39 4.80 24.29
CA GLY A 164 -2.15 3.54 23.59
C GLY A 164 -2.15 3.64 22.08
N TRP A 165 -1.77 4.81 21.56
CA TRP A 165 -1.72 5.01 20.11
C TRP A 165 -0.77 4.04 19.43
N GLU A 166 -1.16 3.58 18.27
CA GLU A 166 -0.28 2.74 17.48
C GLU A 166 0.62 3.58 16.58
N LEU A 167 1.78 3.03 16.26
CA LEU A 167 2.68 3.62 15.30
C LEU A 167 3.09 2.50 14.34
N THR A 168 2.82 2.70 13.05
CA THR A 168 3.12 1.69 12.04
C THR A 168 3.86 2.35 10.88
N ALA A 169 4.30 1.57 9.91
CA ALA A 169 4.99 2.12 8.74
C ALA A 169 4.76 1.28 7.51
N ALA A 170 4.59 1.95 6.37
CA ALA A 170 4.55 1.27 5.07
C ALA A 170 5.97 1.22 4.54
N VAL A 171 6.40 0.05 4.09
CA VAL A 171 7.81 -0.16 3.72
C VAL A 171 7.96 -0.91 2.40
N PRO A 172 9.08 -0.65 1.69
CA PRO A 172 9.37 -1.37 0.44
C PRO A 172 9.98 -2.73 0.75
N LEU A 173 10.17 -3.57 -0.26
CA LEU A 173 10.82 -4.86 -0.02
C LEU A 173 12.09 -5.11 -0.84
N ALA A 174 12.49 -4.15 -1.66
CA ALA A 174 13.74 -4.28 -2.41
C ALA A 174 14.91 -4.11 -1.47
N ASN A 175 15.89 -5.01 -1.57
CA ASN A 175 17.06 -5.02 -0.70
C ASN A 175 17.81 -3.70 -0.65
N PHE A 176 18.01 -3.07 -1.81
CA PHE A 176 18.78 -1.83 -1.84
C PHE A 176 18.07 -0.70 -1.08
N ARG A 177 16.73 -0.71 -1.13
CA ARG A 177 15.93 0.25 -0.36
C ARG A 177 16.07 0.00 1.14
N LEU A 178 16.05 -1.27 1.52
CA LEU A 178 16.21 -1.65 2.92
C LEU A 178 17.57 -1.21 3.44
N MET A 179 18.61 -1.46 2.66
CA MET A 179 19.97 -1.11 3.06
C MET A 179 20.14 0.40 3.19
N GLU A 180 19.50 1.15 2.30
CA GLU A 180 19.66 2.61 2.30
C GLU A 180 18.79 3.32 3.34
N GLY A 181 17.67 2.72 3.73
CA GLY A 181 16.70 3.44 4.54
C GLY A 181 16.21 2.87 5.85
N TYR A 182 16.39 1.58 6.07
CA TYR A 182 15.67 0.89 7.15
C TYR A 182 16.54 0.06 8.11
N HIS A 183 16.74 0.54 9.32
CA HIS A 183 17.32 -0.28 10.39
C HIS A 183 16.27 -1.28 10.85
N VAL A 184 16.22 -2.43 10.19
CA VAL A 184 15.12 -3.38 10.39
C VAL A 184 14.84 -3.83 11.84
N PRO A 185 15.86 -4.36 12.56
CA PRO A 185 15.54 -4.86 13.91
C PRO A 185 15.06 -3.76 14.85
N GLU A 186 15.67 -2.58 14.73
CA GLU A 186 15.30 -1.48 15.62
C GLU A 186 13.92 -0.91 15.25
N LEU A 187 13.66 -0.78 13.96
CA LEU A 187 12.35 -0.31 13.51
C LEU A 187 11.22 -1.26 13.90
N CYS A 188 11.42 -2.56 13.68
CA CYS A 188 10.37 -3.54 13.94
C CYS A 188 10.01 -3.65 15.42
N GLN A 189 10.95 -3.31 16.31
CA GLN A 189 10.67 -3.37 17.74
C GLN A 189 9.89 -2.14 18.21
N GLU A 190 10.07 -1.02 17.52
CA GLU A 190 9.37 0.21 17.87
C GLU A 190 7.94 0.28 17.30
N LEU A 191 7.70 -0.45 16.21
CA LEU A 191 6.44 -0.33 15.50
C LEU A 191 5.47 -1.46 15.86
N ASP A 192 4.18 -1.17 15.83
CA ASP A 192 3.14 -2.17 16.07
C ASP A 192 2.96 -3.11 14.88
N ALA A 193 3.26 -2.63 13.69
CA ALA A 193 3.13 -3.46 12.49
C ALA A 193 3.93 -2.86 11.35
N ILE A 194 4.39 -3.73 10.47
CA ILE A 194 5.13 -3.34 9.29
C ILE A 194 4.24 -3.65 8.09
N HIS A 195 3.76 -2.61 7.42
CA HIS A 195 2.89 -2.77 6.26
C HIS A 195 3.76 -2.86 5.01
N VAL A 196 4.00 -4.08 4.55
CA VAL A 196 4.93 -4.28 3.47
C VAL A 196 4.28 -4.01 2.11
N MET A 197 4.85 -3.08 1.37
CA MET A 197 4.29 -2.71 0.07
C MET A 197 4.72 -3.70 -1.00
N SER A 198 4.14 -4.90 -0.93
CA SER A 198 4.51 -5.98 -1.82
C SER A 198 3.73 -5.90 -3.13
N TYR A 199 3.87 -4.75 -3.78
CA TYR A 199 3.23 -4.48 -5.07
C TYR A 199 4.07 -3.39 -5.73
N ASP A 200 3.67 -2.92 -6.91
CA ASP A 200 4.53 -2.08 -7.75
C ASP A 200 5.94 -2.68 -7.87
N LEU A 201 6.03 -4.00 -7.89
CA LEU A 201 7.32 -4.66 -7.99
C LEU A 201 7.79 -4.68 -9.44
N ARG A 202 6.85 -4.43 -10.36
CA ARG A 202 7.14 -4.30 -11.78
C ARG A 202 6.21 -3.22 -12.29
N GLY A 203 6.55 -2.61 -13.42
CA GLY A 203 5.74 -1.52 -13.94
C GLY A 203 6.42 -0.84 -15.11
N ASN A 204 5.78 0.17 -15.67
CA ASN A 204 6.30 0.83 -16.88
C ASN A 204 7.76 1.27 -16.73
N TRP A 205 8.10 1.72 -15.52
CA TRP A 205 9.45 2.21 -15.21
C TRP A 205 10.55 1.17 -15.42
N ALA A 206 10.17 -0.10 -15.47
CA ALA A 206 11.14 -1.19 -15.61
C ALA A 206 11.47 -1.52 -17.07
N GLY A 207 10.65 -1.02 -18.00
CA GLY A 207 10.92 -1.22 -19.42
C GLY A 207 10.38 -2.51 -20.03
N PHE A 208 9.57 -3.25 -19.28
CA PHE A 208 8.93 -4.46 -19.81
C PHE A 208 7.61 -4.76 -19.10
N ALA A 209 6.75 -5.52 -19.77
CA ALA A 209 5.44 -5.88 -19.22
C ALA A 209 5.58 -7.08 -18.29
N ASP A 210 4.97 -6.98 -17.12
CA ASP A 210 5.04 -8.05 -16.13
C ASP A 210 3.96 -7.78 -15.09
N VAL A 211 3.57 -8.82 -14.34
CA VAL A 211 2.66 -8.63 -13.21
C VAL A 211 3.42 -7.90 -12.11
N HIS A 212 2.72 -7.15 -11.27
CA HIS A 212 3.43 -6.29 -10.31
C HIS A 212 3.44 -6.78 -8.87
N SER A 213 2.82 -7.92 -8.62
CA SER A 213 2.91 -8.56 -7.31
C SER A 213 3.12 -10.07 -7.40
N PRO A 214 4.14 -10.52 -8.18
CA PRO A 214 4.34 -11.98 -8.25
C PRO A 214 4.71 -12.54 -6.88
N LEU A 215 4.11 -13.68 -6.54
CA LEU A 215 4.39 -14.32 -5.25
C LEU A 215 5.74 -15.01 -5.25
N TYR A 216 6.08 -15.69 -6.33
CA TYR A 216 7.35 -16.42 -6.42
C TYR A 216 8.17 -15.96 -7.63
N LYS A 217 9.46 -16.27 -7.60
CA LYS A 217 10.36 -15.98 -8.71
C LYS A 217 9.92 -16.63 -10.03
N ARG A 218 10.08 -15.91 -11.13
CA ARG A 218 9.88 -16.47 -12.47
C ARG A 218 11.24 -16.69 -13.12
N PRO A 219 11.30 -17.53 -14.17
CA PRO A 219 12.58 -17.76 -14.88
C PRO A 219 13.22 -16.48 -15.45
N HIS A 220 12.43 -15.52 -15.91
CA HIS A 220 12.99 -14.29 -16.47
C HIS A 220 13.47 -13.27 -15.43
N ASP A 221 13.26 -13.57 -14.14
CA ASP A 221 13.70 -12.68 -13.06
C ASP A 221 15.22 -12.78 -12.85
N GLN A 222 15.94 -11.69 -13.18
CA GLN A 222 17.41 -11.61 -13.15
C GLN A 222 17.98 -10.35 -12.45
N TRP A 223 19.11 -10.48 -11.83
CA TRP A 223 19.76 -9.36 -11.22
C TRP A 223 18.70 -8.79 -10.30
N ALA A 224 18.65 -7.49 -10.17
CA ALA A 224 17.87 -6.82 -9.14
C ALA A 224 16.51 -7.45 -8.96
N TYR A 225 15.97 -8.03 -10.00
CA TYR A 225 14.61 -8.60 -9.97
C TYR A 225 14.52 -10.01 -9.42
N GLU A 226 15.68 -10.66 -9.25
CA GLU A 226 15.73 -12.06 -8.88
C GLU A 226 14.92 -12.37 -7.63
N LYS A 227 15.10 -11.55 -6.59
CA LYS A 227 14.41 -11.75 -5.33
C LYS A 227 13.29 -10.73 -5.13
N LEU A 228 12.95 -10.01 -6.18
CA LEU A 228 11.91 -8.97 -6.10
C LEU A 228 10.54 -9.59 -6.32
N ASN A 229 10.11 -10.39 -5.36
CA ASN A 229 8.80 -11.02 -5.39
C ASN A 229 8.31 -11.09 -3.96
N VAL A 230 7.01 -11.34 -3.77
CA VAL A 230 6.42 -11.29 -2.44
C VAL A 230 7.07 -12.28 -1.46
N ASN A 231 7.19 -13.53 -1.87
CA ASN A 231 7.79 -14.54 -0.99
C ASN A 231 9.20 -14.18 -0.55
N ASP A 232 10.08 -13.87 -1.52
CA ASP A 232 11.47 -13.58 -1.20
C ASP A 232 11.64 -12.25 -0.46
N GLY A 233 10.78 -11.29 -0.80
CA GLY A 233 10.79 -9.99 -0.16
C GLY A 233 10.43 -10.07 1.32
N LEU A 234 9.38 -10.80 1.65
CA LEU A 234 9.02 -11.00 3.05
C LEU A 234 10.10 -11.80 3.77
N GLN A 235 10.71 -12.75 3.07
CA GLN A 235 11.79 -13.56 3.65
C GLN A 235 12.96 -12.64 3.99
N LEU A 236 13.21 -11.66 3.12
CA LEU A 236 14.25 -10.67 3.34
C LEU A 236 14.01 -9.87 4.62
N TRP A 237 12.78 -9.40 4.83
CA TRP A 237 12.44 -8.72 6.08
C TRP A 237 12.70 -9.59 7.32
N GLU A 238 12.32 -10.87 7.23
CA GLU A 238 12.64 -11.83 8.29
C GLU A 238 14.14 -11.95 8.50
N ASP A 239 14.89 -12.16 7.42
CA ASP A 239 16.33 -12.35 7.51
C ASP A 239 17.03 -11.14 8.12
N LYS A 240 16.49 -9.96 7.89
CA LYS A 240 17.09 -8.75 8.43
C LYS A 240 16.68 -8.47 9.88
N GLY A 241 15.81 -9.33 10.42
CA GLY A 241 15.55 -9.31 11.84
C GLY A 241 14.15 -8.91 12.28
N CYS A 242 13.21 -8.85 11.34
CA CYS A 242 11.83 -8.52 11.71
C CYS A 242 11.09 -9.79 12.07
N PRO A 243 10.43 -9.79 13.24
CA PRO A 243 9.63 -10.95 13.67
C PRO A 243 8.46 -11.20 12.73
N THR A 244 8.17 -12.47 12.47
CA THR A 244 7.07 -12.86 11.58
C THR A 244 5.75 -12.20 11.98
N ASN A 245 5.53 -12.07 13.29
CA ASN A 245 4.26 -11.54 13.79
C ASN A 245 4.19 -10.01 13.85
N LYS A 246 5.11 -9.34 13.15
CA LYS A 246 5.02 -7.91 12.95
C LYS A 246 4.79 -7.56 11.47
N LEU A 247 4.91 -8.58 10.61
CA LEU A 247 4.84 -8.36 9.17
C LEU A 247 3.44 -8.54 8.57
N VAL A 248 2.95 -7.47 7.95
CA VAL A 248 1.65 -7.49 7.29
C VAL A 248 1.87 -7.40 5.77
N VAL A 249 1.24 -8.29 5.03
CA VAL A 249 1.52 -8.43 3.60
C VAL A 249 0.55 -7.62 2.73
N GLY A 250 1.09 -6.67 1.97
CA GLY A 250 0.30 -5.85 1.09
C GLY A 250 -0.26 -6.58 -0.12
N ILE A 251 -1.53 -6.30 -0.42
CA ILE A 251 -2.21 -6.86 -1.58
C ILE A 251 -2.77 -5.70 -2.41
N PRO A 252 -2.38 -5.59 -3.68
CA PRO A 252 -2.88 -4.45 -4.46
C PRO A 252 -4.26 -4.73 -5.06
N PHE A 253 -5.20 -3.81 -4.86
CA PHE A 253 -6.52 -3.89 -5.48
C PHE A 253 -6.52 -3.10 -6.78
N TYR A 254 -5.42 -3.18 -7.53
CA TYR A 254 -5.28 -2.45 -8.79
C TYR A 254 -4.25 -3.16 -9.65
N GLY A 255 -4.26 -2.88 -10.95
CA GLY A 255 -3.29 -3.45 -11.85
C GLY A 255 -2.31 -2.43 -12.40
N ARG A 256 -1.11 -2.88 -12.73
CA ARG A 256 -0.14 -2.05 -13.43
C ARG A 256 -0.28 -2.31 -14.93
N SER A 257 -0.42 -1.24 -15.71
CA SER A 257 -0.71 -1.36 -17.13
C SER A 257 0.46 -0.90 -18.00
N PHE A 258 0.47 -1.39 -19.23
CA PHE A 258 1.52 -1.09 -20.19
C PHE A 258 0.95 -0.86 -21.59
N THR A 259 1.57 0.05 -22.33
CA THR A 259 1.35 0.09 -23.78
C THR A 259 2.49 -0.65 -24.45
N LEU A 260 2.14 -1.72 -25.17
CA LEU A 260 3.14 -2.52 -25.85
C LEU A 260 3.76 -1.77 -27.03
N SER A 261 4.99 -2.14 -27.37
CA SER A 261 5.70 -1.51 -28.47
C SER A 261 5.02 -1.77 -29.81
N SER A 262 5.23 -0.85 -30.75
CA SER A 262 4.71 -0.95 -32.11
C SER A 262 4.96 -2.32 -32.76
N GLY A 263 3.89 -2.94 -33.24
CA GLY A 263 3.99 -4.20 -33.96
C GLY A 263 4.42 -5.39 -33.13
N ASN A 264 4.34 -5.25 -31.81
CA ASN A 264 4.70 -6.34 -30.90
C ASN A 264 3.52 -7.28 -30.69
N ASN A 265 3.67 -8.53 -31.14
CA ASN A 265 2.59 -9.52 -31.04
C ASN A 265 2.89 -10.55 -29.95
N ASN A 266 3.96 -10.32 -29.21
CA ASN A 266 4.31 -11.19 -28.10
C ASN A 266 3.74 -10.65 -26.80
N TYR A 267 2.82 -11.39 -26.20
CA TYR A 267 2.11 -10.94 -25.01
C TYR A 267 2.61 -11.61 -23.73
N ASN A 268 3.70 -12.35 -23.84
CA ASN A 268 4.24 -13.06 -22.70
C ASN A 268 4.82 -12.12 -21.66
N LEU A 269 4.98 -12.64 -20.44
CA LEU A 269 5.67 -11.92 -19.39
C LEU A 269 7.05 -11.52 -19.87
N GLY A 270 7.41 -10.26 -19.66
CA GLY A 270 8.73 -9.77 -20.00
C GLY A 270 8.84 -9.14 -21.37
N THR A 271 7.73 -9.09 -22.10
CA THR A 271 7.74 -8.54 -23.44
C THR A 271 8.00 -7.03 -23.43
N TYR A 272 8.64 -6.55 -24.49
CA TYR A 272 9.03 -5.16 -24.60
C TYR A 272 7.82 -4.24 -24.72
N ILE A 273 7.98 -3.00 -24.28
CA ILE A 273 6.87 -2.05 -24.23
C ILE A 273 7.31 -0.73 -24.81
N ASN A 274 6.33 0.12 -25.10
CA ASN A 274 6.56 1.51 -25.46
C ASN A 274 6.64 2.31 -24.17
N LYS A 275 7.84 2.44 -23.64
CA LYS A 275 8.04 3.05 -22.32
C LYS A 275 7.69 4.53 -22.31
N GLU A 276 7.81 5.18 -23.47
CA GLU A 276 7.52 6.61 -23.60
C GLU A 276 6.04 6.90 -23.39
N ALA A 277 5.19 5.90 -23.64
CA ALA A 277 3.76 6.01 -23.38
C ALA A 277 3.48 6.26 -21.90
N GLY A 278 4.37 5.82 -21.03
CA GLY A 278 4.22 6.03 -19.60
C GLY A 278 3.40 4.95 -18.94
N GLY A 279 2.91 4.00 -19.74
CA GLY A 279 2.06 2.93 -19.25
C GLY A 279 0.86 2.75 -20.14
N GLY A 280 -0.10 1.96 -19.68
CA GLY A 280 -1.32 1.76 -20.44
C GLY A 280 -2.18 3.01 -20.46
N ASP A 281 -3.11 3.08 -21.39
CA ASP A 281 -4.05 4.19 -21.47
C ASP A 281 -4.88 4.27 -20.19
N PRO A 282 -5.28 5.49 -19.79
CA PRO A 282 -6.06 5.66 -18.55
C PRO A 282 -7.43 5.03 -18.61
N ALA A 283 -7.90 4.51 -17.47
CA ALA A 283 -9.25 4.00 -17.34
C ALA A 283 -10.19 5.15 -16.93
N PRO A 284 -11.52 4.97 -17.09
CA PRO A 284 -12.43 6.12 -16.95
C PRO A 284 -12.59 6.69 -15.54
N TYR A 285 -12.25 5.94 -14.51
CA TYR A 285 -12.55 6.39 -13.15
C TYR A 285 -11.31 6.84 -12.37
N THR A 286 -10.22 6.08 -12.47
CA THR A 286 -8.98 6.47 -11.82
C THR A 286 -8.23 7.45 -12.72
N ASN A 287 -8.46 7.37 -14.03
CA ASN A 287 -7.93 8.33 -14.98
C ASN A 287 -6.41 8.52 -14.86
N ALA A 288 -5.65 7.42 -14.88
CA ALA A 288 -4.22 7.57 -14.72
C ALA A 288 -3.49 6.59 -15.62
N THR A 289 -2.52 7.12 -16.34
CA THR A 289 -1.65 6.30 -17.16
C THR A 289 -0.86 5.39 -16.26
N GLY A 290 -0.86 4.09 -16.52
CA GLY A 290 -0.03 3.17 -15.77
C GLY A 290 -0.72 2.29 -14.75
N PHE A 291 -1.97 2.59 -14.40
CA PHE A 291 -2.73 1.67 -13.55
C PHE A 291 -4.23 1.73 -13.75
N TRP A 292 -4.89 0.62 -13.37
CA TRP A 292 -6.34 0.50 -13.37
C TRP A 292 -6.77 -0.01 -12.00
N ALA A 293 -7.89 0.50 -11.49
CA ALA A 293 -8.48 -0.08 -10.30
C ALA A 293 -8.98 -1.47 -10.64
N TYR A 294 -9.09 -2.34 -9.62
CA TYR A 294 -9.64 -3.67 -9.83
C TYR A 294 -10.99 -3.63 -10.52
N TYR A 295 -11.86 -2.71 -10.13
CA TYR A 295 -13.19 -2.67 -10.73
C TYR A 295 -13.17 -2.20 -12.19
N GLU A 296 -12.16 -1.44 -12.57
CA GLU A 296 -11.99 -1.04 -13.96
C GLU A 296 -11.50 -2.21 -14.80
N ILE A 297 -10.74 -3.10 -14.18
CA ILE A 297 -10.22 -4.27 -14.87
C ILE A 297 -11.32 -5.31 -15.06
N CYS A 298 -12.06 -5.61 -14.01
CA CYS A 298 -13.05 -6.68 -14.09
C CYS A 298 -14.23 -6.34 -15.00
N THR A 299 -14.63 -5.07 -15.02
CA THR A 299 -15.69 -4.64 -15.94
C THR A 299 -15.27 -4.75 -17.41
N GLU A 300 -13.96 -4.74 -17.67
CA GLU A 300 -13.47 -4.87 -19.05
C GLU A 300 -13.14 -6.31 -19.42
N VAL A 301 -12.50 -7.02 -18.51
CA VAL A 301 -11.94 -8.33 -18.79
C VAL A 301 -12.93 -9.48 -18.55
N ASP A 302 -13.82 -9.32 -17.57
CA ASP A 302 -14.67 -10.43 -17.16
C ASP A 302 -16.07 -10.46 -17.81
N THR A 303 -16.43 -9.45 -18.58
CA THR A 303 -17.73 -9.44 -19.25
C THR A 303 -17.86 -10.60 -20.25
N ALA A 304 -19.10 -11.01 -20.52
CA ALA A 304 -19.36 -12.15 -21.39
C ALA A 304 -18.74 -11.99 -22.79
N ASP A 305 -18.82 -10.79 -23.34
CA ASP A 305 -18.34 -10.55 -24.70
C ASP A 305 -16.99 -9.82 -24.73
N SER A 306 -16.19 -9.99 -23.69
CA SER A 306 -14.91 -9.30 -23.60
C SER A 306 -13.98 -9.69 -24.74
N LYS A 307 -13.32 -8.70 -25.33
CA LYS A 307 -12.30 -8.94 -26.35
C LYS A 307 -10.93 -9.11 -25.71
N TRP A 308 -10.87 -9.02 -24.38
CA TRP A 308 -9.61 -9.17 -23.66
C TRP A 308 -9.24 -10.64 -23.55
N THR A 309 -7.94 -10.92 -23.60
CA THR A 309 -7.45 -12.27 -23.40
C THR A 309 -6.81 -12.34 -22.01
N LYS A 310 -7.33 -13.21 -21.15
CA LYS A 310 -6.83 -13.35 -19.79
C LYS A 310 -5.89 -14.54 -19.67
N LYS A 311 -4.77 -14.35 -19.00
CA LYS A 311 -3.78 -15.39 -18.82
C LYS A 311 -3.40 -15.49 -17.36
N TRP A 312 -2.53 -16.45 -17.07
CA TRP A 312 -2.12 -16.71 -15.70
C TRP A 312 -0.63 -16.92 -15.63
N ASP A 313 0.02 -16.20 -14.72
CA ASP A 313 1.42 -16.39 -14.40
C ASP A 313 1.54 -17.60 -13.48
N GLU A 314 2.04 -18.71 -14.02
CA GLU A 314 2.12 -19.96 -13.27
C GLU A 314 3.08 -19.93 -12.08
N HIS A 315 4.11 -19.10 -12.16
CA HIS A 315 5.08 -19.02 -11.06
C HIS A 315 4.72 -17.90 -10.09
N GLY A 316 4.39 -16.73 -10.64
CA GLY A 316 4.05 -15.57 -9.83
C GLY A 316 2.67 -15.66 -9.21
N LYS A 317 1.84 -16.56 -9.76
CA LYS A 317 0.46 -16.77 -9.29
C LYS A 317 -0.39 -15.50 -9.39
N CYS A 318 -0.31 -14.81 -10.53
CA CYS A 318 -1.08 -13.60 -10.77
C CYS A 318 -1.72 -13.67 -12.15
N PRO A 319 -2.89 -13.05 -12.30
CA PRO A 319 -3.50 -12.91 -13.62
C PRO A 319 -2.94 -11.74 -14.41
N TYR A 320 -2.93 -11.86 -15.73
CA TYR A 320 -2.72 -10.72 -16.60
C TYR A 320 -3.68 -10.80 -17.79
N ALA A 321 -3.95 -9.66 -18.39
CA ALA A 321 -4.89 -9.61 -19.50
C ALA A 321 -4.38 -8.61 -20.51
N TYR A 322 -4.73 -8.83 -21.77
CA TYR A 322 -4.28 -7.93 -22.81
C TYR A 322 -5.30 -7.78 -23.92
N LYS A 323 -5.25 -6.64 -24.59
CA LYS A 323 -6.04 -6.39 -25.79
C LYS A 323 -5.33 -5.34 -26.63
N GLY A 324 -5.08 -5.65 -27.90
CA GLY A 324 -4.40 -4.74 -28.80
C GLY A 324 -3.02 -4.41 -28.30
N THR A 325 -2.79 -3.12 -28.01
CA THR A 325 -1.52 -2.67 -27.45
C THR A 325 -1.55 -2.58 -25.92
N GLN A 326 -2.68 -2.94 -25.32
CA GLN A 326 -2.87 -2.78 -23.89
C GLN A 326 -2.64 -4.07 -23.12
N TRP A 327 -1.91 -3.99 -22.02
CA TRP A 327 -1.51 -5.14 -21.23
C TRP A 327 -1.59 -4.72 -19.76
N VAL A 328 -2.24 -5.53 -18.94
CA VAL A 328 -2.39 -5.18 -17.54
C VAL A 328 -2.18 -6.41 -16.64
N GLY A 329 -1.35 -6.26 -15.62
CA GLY A 329 -1.11 -7.31 -14.65
C GLY A 329 -1.71 -6.91 -13.32
N TYR A 330 -2.34 -7.86 -12.62
CA TYR A 330 -3.10 -7.51 -11.44
C TYR A 330 -3.31 -8.66 -10.44
N GLU A 331 -4.32 -8.50 -9.58
CA GLU A 331 -4.74 -9.54 -8.63
C GLU A 331 -6.23 -9.80 -8.83
N ASP A 332 -6.61 -11.08 -8.85
CA ASP A 332 -8.02 -11.44 -8.93
C ASP A 332 -8.38 -12.32 -7.72
N PRO A 333 -9.64 -12.76 -7.61
CA PRO A 333 -9.92 -13.60 -6.44
C PRO A 333 -9.03 -14.84 -6.35
N ARG A 334 -8.69 -15.44 -7.49
CA ARG A 334 -7.82 -16.62 -7.45
C ARG A 334 -6.46 -16.29 -6.83
N SER A 335 -5.82 -15.21 -7.30
CA SER A 335 -4.48 -14.87 -6.83
C SER A 335 -4.49 -14.39 -5.37
N VAL A 336 -5.50 -13.61 -5.01
CA VAL A 336 -5.64 -13.15 -3.63
C VAL A 336 -5.79 -14.34 -2.67
N GLU A 337 -6.61 -15.31 -3.04
CA GLU A 337 -6.83 -16.51 -2.23
CA GLU A 337 -6.82 -16.48 -2.20
C GLU A 337 -5.51 -17.26 -2.00
N ILE A 338 -4.72 -17.35 -3.06
CA ILE A 338 -3.41 -18.01 -2.96
C ILE A 338 -2.52 -17.26 -1.97
N LYS A 339 -2.55 -15.94 -2.02
CA LYS A 339 -1.75 -15.15 -1.11
C LYS A 339 -2.24 -15.28 0.34
N MET A 340 -3.55 -15.32 0.54
CA MET A 340 -4.10 -15.51 1.88
C MET A 340 -3.60 -16.81 2.52
N ASN A 341 -3.68 -17.91 1.79
CA ASN A 341 -3.20 -19.19 2.28
C ASN A 341 -1.70 -19.16 2.55
N TRP A 342 -0.97 -18.49 1.67
CA TRP A 342 0.47 -18.34 1.83
C TRP A 342 0.81 -17.54 3.09
N ILE A 343 0.05 -16.47 3.35
CA ILE A 343 0.24 -15.69 4.58
C ILE A 343 0.11 -16.55 5.85
N LYS A 344 -0.94 -17.36 5.90
CA LYS A 344 -1.19 -18.24 7.03
C LYS A 344 -0.11 -19.30 7.17
N GLU A 345 0.32 -19.85 6.04
CA GLU A 345 1.40 -20.84 6.03
C GLU A 345 2.70 -20.28 6.61
N LYS A 346 2.97 -19.01 6.32
CA LYS A 346 4.21 -18.37 6.78
C LYS A 346 4.10 -17.89 8.21
N GLY A 347 2.88 -17.60 8.66
CA GLY A 347 2.66 -17.13 10.01
C GLY A 347 2.77 -15.62 10.20
N TYR A 348 2.59 -14.86 9.12
CA TYR A 348 2.67 -13.40 9.19
C TYR A 348 1.45 -12.79 9.91
N LEU A 349 1.59 -11.54 10.33
CA LEU A 349 0.59 -10.87 11.15
C LEU A 349 -0.76 -10.66 10.45
N GLY A 350 -0.74 -10.47 9.14
CA GLY A 350 -1.98 -10.33 8.41
C GLY A 350 -1.82 -9.84 6.98
N ALA A 351 -2.90 -9.28 6.45
CA ALA A 351 -2.92 -8.76 5.08
C ALA A 351 -3.25 -7.27 5.10
N MET A 352 -2.70 -6.55 4.13
CA MET A 352 -2.98 -5.13 3.95
C MET A 352 -3.44 -4.92 2.51
N THR A 353 -4.31 -3.93 2.28
CA THR A 353 -4.66 -3.61 0.92
C THR A 353 -4.41 -2.16 0.56
N TRP A 354 -3.80 -1.95 -0.60
CA TRP A 354 -3.85 -0.67 -1.27
C TRP A 354 -4.70 -0.82 -2.53
N ALA A 355 -5.89 -0.21 -2.57
CA ALA A 355 -6.52 0.44 -1.44
C ALA A 355 -8.00 0.06 -1.50
N ILE A 356 -8.69 0.20 -0.38
CA ILE A 356 -10.04 -0.32 -0.23
C ILE A 356 -11.01 0.30 -1.24
N ASP A 357 -10.72 1.54 -1.65
CA ASP A 357 -11.57 2.27 -2.59
C ASP A 357 -11.48 1.75 -4.03
N MET A 358 -10.63 0.77 -4.26
CA MET A 358 -10.47 0.23 -5.62
C MET A 358 -10.98 -1.20 -5.75
N ASP A 359 -11.51 -1.75 -4.66
CA ASP A 359 -12.23 -3.02 -4.72
C ASP A 359 -13.47 -2.80 -5.59
N ASP A 360 -14.11 -3.89 -6.02
CA ASP A 360 -15.39 -3.77 -6.71
C ASP A 360 -16.49 -3.51 -5.68
N PHE A 361 -16.45 -2.33 -5.06
CA PHE A 361 -17.36 -1.99 -3.97
C PHE A 361 -18.79 -1.80 -4.45
N GLN A 362 -18.97 -1.51 -5.75
CA GLN A 362 -20.29 -1.34 -6.34
C GLN A 362 -20.91 -2.65 -6.80
N GLY A 363 -20.09 -3.70 -6.84
CA GLY A 363 -20.55 -4.98 -7.39
C GLY A 363 -20.87 -4.87 -8.88
N LEU A 364 -20.08 -4.07 -9.58
CA LEU A 364 -20.25 -3.92 -11.03
C LEU A 364 -20.04 -5.23 -11.76
N CYS A 365 -19.22 -6.11 -11.18
CA CYS A 365 -18.82 -7.34 -11.82
C CYS A 365 -19.45 -8.56 -11.17
N GLY A 366 -20.26 -8.32 -10.15
CA GLY A 366 -20.83 -9.40 -9.37
C GLY A 366 -20.93 -9.05 -7.89
N GLU A 367 -20.22 -9.80 -7.05
CA GLU A 367 -20.27 -9.60 -5.61
C GLU A 367 -19.57 -8.31 -5.18
N LYS A 368 -20.26 -7.51 -4.36
CA LYS A 368 -19.68 -6.30 -3.80
C LYS A 368 -18.50 -6.62 -2.90
N ASN A 369 -17.44 -5.80 -3.00
CA ASN A 369 -16.30 -5.91 -2.09
C ASN A 369 -15.65 -7.28 -2.06
N ILE A 370 -15.58 -7.91 -3.23
CA ILE A 370 -15.15 -9.29 -3.33
C ILE A 370 -13.72 -9.53 -2.83
N LEU A 371 -12.81 -8.59 -3.10
CA LEU A 371 -11.42 -8.79 -2.70
C LEU A 371 -11.22 -8.64 -1.19
N ILE A 372 -11.81 -7.60 -0.60
CA ILE A 372 -11.66 -7.40 0.84
C ILE A 372 -12.39 -8.51 1.61
N LYS A 373 -13.46 -9.04 1.02
CA LYS A 373 -14.16 -10.18 1.62
C LYS A 373 -13.26 -11.40 1.71
N LEU A 374 -12.36 -11.56 0.75
CA LEU A 374 -11.37 -12.63 0.81
C LEU A 374 -10.37 -12.43 1.93
N LEU A 375 -9.85 -11.22 2.07
CA LEU A 375 -8.91 -10.91 3.15
C LEU A 375 -9.56 -11.17 4.50
N HIS A 376 -10.76 -10.63 4.68
CA HIS A 376 -11.48 -10.81 5.94
C HIS A 376 -11.80 -12.29 6.24
N LYS A 377 -12.26 -13.03 5.23
CA LYS A 377 -12.59 -14.44 5.42
C LYS A 377 -11.40 -15.24 5.92
N HIS A 378 -10.26 -15.11 5.26
CA HIS A 378 -9.08 -15.87 5.67
C HIS A 378 -8.45 -15.39 6.97
N MET A 379 -8.38 -14.08 7.17
CA MET A 379 -7.69 -13.56 8.35
C MET A 379 -8.50 -13.71 9.65
N SER A 380 -9.82 -13.59 9.55
CA SER A 380 -10.64 -13.63 10.74
C SER A 380 -10.70 -15.05 11.32
N ALA A 381 -10.40 -16.05 10.49
CA ALA A 381 -10.40 -17.44 10.93
C ALA A 381 -8.99 -17.94 11.21
N TYR A 382 -8.05 -17.02 11.43
CA TYR A 382 -6.65 -17.37 11.50
C TYR A 382 -5.98 -16.86 12.78
N THR A 383 -5.20 -17.73 13.40
CA THR A 383 -4.48 -17.39 14.61
C THR A 383 -2.99 -17.22 14.30
N VAL A 384 -2.47 -16.02 14.55
CA VAL A 384 -1.07 -15.73 14.28
C VAL A 384 -0.19 -16.46 15.29
N PRO A 385 0.71 -17.34 14.82
CA PRO A 385 1.57 -18.10 15.72
C PRO A 385 2.67 -17.23 16.32
N PRO A 386 3.33 -17.72 17.39
CA PRO A 386 4.48 -17.00 17.97
C PRO A 386 5.59 -16.81 16.95
N PRO A 387 6.48 -15.82 17.16
CA PRO A 387 7.58 -15.55 16.24
C PRO A 387 8.38 -16.81 15.94
N ARG A 388 8.86 -16.94 14.70
CA ARG A 388 9.61 -18.12 14.28
C ARG A 388 11.10 -17.97 14.58
C1 NAG B . 1.63 2.94 -1.94
C2 NAG B . 2.27 4.32 -1.98
C3 NAG B . 1.08 5.11 -2.49
C4 NAG B . 0.69 4.54 -3.88
C5 NAG B . 0.60 3.00 -3.89
C6 NAG B . 0.39 2.37 -5.27
C7 NAG B . 4.08 4.90 -0.44
C8 NAG B . 4.46 5.13 1.00
N2 NAG B . 2.77 4.80 -0.70
O1 NAG B . 2.09 2.05 -0.97
O3 NAG B . 1.35 6.50 -2.48
O4 NAG B . -0.57 5.01 -4.29
O5 NAG B . 1.74 2.45 -3.25
O6 NAG B . 1.39 2.77 -6.18
O7 NAG B . 4.96 4.81 -1.28
C1 NAG B . -0.48 6.26 -5.00
C2 NAG B . -1.56 6.29 -6.08
C3 NAG B . -1.51 7.63 -6.80
C4 NAG B . -1.57 8.79 -5.82
C5 NAG B . -0.54 8.62 -4.70
C6 NAG B . -0.71 9.64 -3.59
C7 NAG B . -2.18 4.14 -7.03
C8 NAG B . -1.81 3.03 -7.97
N2 NAG B . -1.36 5.19 -7.00
O3 NAG B . -2.60 7.69 -7.69
O4 NAG B . -1.31 10.00 -6.49
O5 NAG B . -0.65 7.34 -4.11
O6 NAG B . 0.42 9.67 -2.76
O7 NAG B . -3.17 4.05 -6.32
C1 NAG C . -19.45 13.72 6.96
C2 NAG C . -19.42 13.94 5.45
C3 NAG C . -20.48 14.96 5.02
C4 NAG C . -21.84 14.59 5.60
C5 NAG C . -21.71 14.39 7.10
C6 NAG C . -23.04 14.01 7.72
C7 NAG C . -17.30 13.64 4.32
C8 NAG C . -16.02 14.29 3.88
N2 NAG C . -18.12 14.41 5.01
O3 NAG C . -20.53 15.03 3.62
O4 NAG C . -22.79 15.60 5.34
O5 NAG C . -20.76 13.37 7.36
O6 NAG C . -23.51 12.83 7.09
O7 NAG C . -17.54 12.47 4.02
C1 NAG D . -7.96 12.77 -16.69
C2 NAG D . -8.39 14.24 -16.57
C3 NAG D . -7.71 15.13 -17.59
C4 NAG D . -6.22 14.84 -17.69
C5 NAG D . -5.98 13.34 -17.82
C6 NAG D . -4.50 13.02 -17.91
C7 NAG D . -10.66 14.34 -15.70
C8 NAG D . -12.10 14.63 -16.00
N2 NAG D . -9.83 14.33 -16.74
O3 NAG D . -7.89 16.49 -17.25
O4 NAG D . -5.69 15.48 -18.83
O5 NAG D . -6.55 12.69 -16.70
O6 NAG D . -4.22 12.44 -19.16
O7 NAG D . -10.28 14.14 -14.54
#